data_4P6D
#
_entry.id   4P6D
#
_cell.length_a   56.554
_cell.length_b   73.597
_cell.length_c   95.560
_cell.angle_alpha   90.00
_cell.angle_beta   90.00
_cell.angle_gamma   90.00
#
_symmetry.space_group_name_H-M   'P 21 21 21'
#
loop_
_entity.id
_entity.type
_entity.pdbx_description
1 polymer '3,4-dihydroxy-2-butanone 4-phosphate synthase'
2 non-polymer 1,2-ETHANEDIOL
3 non-polymer 'PHOSPHATE ION'
4 water water
#
_entity_poly.entity_id   1
_entity_poly.type   'polypeptide(L)'
_entity_poly.pdbx_seq_one_letter_code
;MGSHHHHHHSSGLVPRGSHMNQSSLLAEFGDPITRVENALQALREGRGVLLLDDEDRENEGDIIYAVESLTTAQMALMIR
ECSGIVCLCLTEAQADRLALPPMVVNNNSANQTAFTVSIEAKHGVTTGVSAQDRVTTIKTAANPQAKPEDLARPGHVFPL
RARAGGVLARRGHTEGTVDLMQMAGLQPAGVLCELTNPDGSMAKTPEIIEFGKLHNMPVLTIEDMVQYRIQFDLKLA
;
_entity_poly.pdbx_strand_id   A,B
#
loop_
_chem_comp.id
_chem_comp.type
_chem_comp.name
_chem_comp.formula
EDO non-polymer 1,2-ETHANEDIOL 'C2 H6 O2'
PO4 non-polymer 'PHOSPHATE ION' 'O4 P -3'
#
# COMPACT_ATOMS: atom_id res chain seq x y z
N SER A 24 -24.57 8.61 -21.62
CA SER A 24 -23.90 8.06 -20.44
C SER A 24 -22.60 8.80 -20.13
N LEU A 25 -22.03 8.53 -18.96
CA LEU A 25 -20.90 9.32 -18.48
C LEU A 25 -19.64 9.15 -19.31
N LEU A 26 -19.50 8.02 -19.98
CA LEU A 26 -18.31 7.76 -20.80
C LEU A 26 -18.62 7.82 -22.30
N ALA A 27 -19.89 8.05 -22.63
CA ALA A 27 -20.36 7.99 -24.01
C ALA A 27 -19.61 8.93 -24.95
N GLU A 28 -19.15 10.06 -24.42
CA GLU A 28 -18.42 11.03 -25.22
C GLU A 28 -17.04 10.52 -25.66
N PHE A 29 -16.61 9.41 -25.07
CA PHE A 29 -15.24 8.94 -25.28
C PHE A 29 -15.23 7.71 -26.17
N GLY A 30 -16.35 7.49 -26.87
CA GLY A 30 -16.50 6.38 -27.77
C GLY A 30 -17.53 5.41 -27.23
N ASP A 31 -18.04 4.54 -28.10
CA ASP A 31 -18.91 3.47 -27.64
C ASP A 31 -18.03 2.45 -26.90
N PRO A 32 -18.65 1.45 -26.23
CA PRO A 32 -17.86 0.48 -25.46
C PRO A 32 -16.68 -0.14 -26.21
N ILE A 33 -16.89 -0.61 -27.43
CA ILE A 33 -15.82 -1.29 -28.16
C ILE A 33 -14.69 -0.31 -28.52
N THR A 34 -15.04 0.94 -28.84
CA THR A 34 -14.03 1.96 -29.09
C THR A 34 -13.20 2.25 -27.83
N ARG A 35 -13.86 2.29 -26.68
CA ARG A 35 -13.14 2.54 -25.44
C ARG A 35 -12.15 1.41 -25.17
N VAL A 36 -12.54 0.17 -25.46
CA VAL A 36 -11.62 -0.93 -25.28
C VAL A 36 -10.46 -0.82 -26.27
N GLU A 37 -10.77 -0.58 -27.54
CA GLU A 37 -9.73 -0.43 -28.56
C GLU A 37 -8.74 0.67 -28.20
N ASN A 38 -9.23 1.80 -27.67
CA ASN A 38 -8.33 2.89 -27.31
C ASN A 38 -7.43 2.50 -26.15
N ALA A 39 -8.02 1.77 -25.19
CA ALA A 39 -7.26 1.28 -24.06
C ALA A 39 -6.18 0.29 -24.51
N LEU A 40 -6.53 -0.62 -25.41
CA LEU A 40 -5.56 -1.58 -25.91
C LEU A 40 -4.39 -0.89 -26.62
N GLN A 41 -4.68 0.13 -27.42
CA GLN A 41 -3.62 0.83 -28.13
C GLN A 41 -2.70 1.57 -27.16
N ALA A 42 -3.28 2.16 -26.11
CA ALA A 42 -2.44 2.82 -25.11
C ALA A 42 -1.48 1.81 -24.47
N LEU A 43 -1.98 0.63 -24.13
CA LEU A 43 -1.13 -0.38 -23.53
C LEU A 43 -0.01 -0.83 -24.48
N ARG A 44 -0.35 -1.00 -25.75
CA ARG A 44 0.66 -1.38 -26.75
C ARG A 44 1.75 -0.32 -26.83
N GLU A 45 1.38 0.92 -26.58
CA GLU A 45 2.33 2.02 -26.63
C GLU A 45 3.05 2.23 -25.31
N GLY A 46 2.71 1.42 -24.31
CA GLY A 46 3.40 1.48 -23.03
C GLY A 46 2.81 2.47 -22.06
N ARG A 47 1.61 2.96 -22.37
CA ARG A 47 0.91 3.91 -21.52
C ARG A 47 -0.09 3.19 -20.62
N GLY A 48 -0.55 3.86 -19.58
CA GLY A 48 -1.51 3.26 -18.66
C GLY A 48 -2.95 3.51 -19.05
N VAL A 49 -3.85 2.77 -18.41
CA VAL A 49 -5.28 2.96 -18.63
C VAL A 49 -5.99 2.98 -17.28
N LEU A 50 -7.25 3.39 -17.30
CA LEU A 50 -8.01 3.48 -16.05
C LEU A 50 -9.23 2.57 -16.17
N LEU A 51 -9.41 1.69 -15.18
CA LEU A 51 -10.45 0.68 -15.26
C LEU A 51 -11.52 0.82 -14.18
N LEU A 52 -12.78 0.83 -14.63
CA LEU A 52 -13.97 0.87 -13.78
C LEU A 52 -14.81 -0.37 -13.98
N ASP A 53 -15.74 -0.66 -13.07
CA ASP A 53 -16.67 -1.77 -13.28
C ASP A 53 -17.63 -1.52 -14.42
N ASP A 54 -18.17 -0.30 -14.46
CA ASP A 54 -19.15 0.12 -15.44
C ASP A 54 -19.28 1.63 -15.34
N GLU A 55 -20.33 2.19 -15.91
CA GLU A 55 -20.40 3.66 -16.03
C GLU A 55 -21.05 4.36 -14.85
N ASP A 56 -21.36 3.63 -13.79
CA ASP A 56 -22.00 4.24 -12.63
C ASP A 56 -21.14 5.34 -12.01
N ARG A 57 -21.77 6.46 -11.67
CA ARG A 57 -21.05 7.62 -11.14
C ARG A 57 -20.29 7.33 -9.85
N GLU A 58 -20.75 6.34 -9.09
CA GLU A 58 -20.17 6.10 -7.78
C GLU A 58 -19.05 5.06 -7.80
N ASN A 59 -18.72 4.57 -9.00
CA ASN A 59 -17.62 3.60 -9.12
C ASN A 59 -16.26 4.18 -8.77
N GLU A 60 -15.43 3.34 -8.16
CA GLU A 60 -14.04 3.67 -7.95
C GLU A 60 -13.23 3.01 -9.05
N GLY A 61 -12.00 3.46 -9.27
CA GLY A 61 -11.27 2.96 -10.42
C GLY A 61 -9.81 2.76 -10.15
N ASP A 62 -9.17 2.02 -11.05
CA ASP A 62 -7.77 1.63 -10.90
C ASP A 62 -6.93 2.13 -12.03
N ILE A 63 -5.68 2.50 -11.74
CA ILE A 63 -4.67 2.61 -12.77
C ILE A 63 -4.17 1.20 -13.09
N ILE A 64 -4.09 0.90 -14.38
CA ILE A 64 -3.53 -0.35 -14.90
CA ILE A 64 -3.49 -0.34 -14.85
C ILE A 64 -2.30 -0.06 -15.75
N TYR A 65 -1.19 -0.74 -15.46
CA TYR A 65 -0.03 -0.66 -16.35
C TYR A 65 0.34 -2.05 -16.85
N ALA A 66 0.78 -2.13 -18.11
CA ALA A 66 1.37 -3.36 -18.63
C ALA A 66 2.71 -3.64 -17.96
N VAL A 67 2.91 -4.88 -17.52
CA VAL A 67 4.19 -5.27 -16.94
C VAL A 67 5.31 -5.20 -17.99
N GLU A 68 4.98 -5.54 -19.22
CA GLU A 68 5.95 -5.61 -20.33
C GLU A 68 6.77 -4.34 -20.46
N SER A 69 6.10 -3.21 -20.30
CA SER A 69 6.70 -1.89 -20.50
C SER A 69 6.78 -1.08 -19.20
N LEU A 70 6.61 -1.75 -18.05
CA LEU A 70 6.56 -1.04 -16.78
C LEU A 70 7.89 -0.38 -16.43
N THR A 71 7.81 0.90 -16.08
CA THR A 71 9.00 1.67 -15.72
C THR A 71 8.94 2.11 -14.26
N THR A 72 10.10 2.45 -13.71
CA THR A 72 10.16 3.00 -12.38
C THR A 72 9.24 4.23 -12.26
N ALA A 73 9.25 5.10 -13.28
CA ALA A 73 8.47 6.33 -13.20
C ALA A 73 6.98 6.01 -13.14
N GLN A 74 6.57 4.97 -13.87
CA GLN A 74 5.16 4.56 -13.82
C GLN A 74 4.80 4.04 -12.44
N MET A 75 5.65 3.20 -11.86
CA MET A 75 5.40 2.70 -10.51
C MET A 75 5.42 3.84 -9.50
N ALA A 76 6.32 4.80 -9.67
CA ALA A 76 6.37 5.94 -8.77
C ALA A 76 5.08 6.72 -8.83
N LEU A 77 4.52 6.87 -10.04
CA LEU A 77 3.28 7.58 -10.21
C LEU A 77 2.17 6.80 -9.52
N MET A 78 2.15 5.52 -9.79
CA MET A 78 1.10 4.68 -9.24
C MET A 78 1.11 4.78 -7.71
N ILE A 79 2.28 4.68 -7.10
CA ILE A 79 2.34 4.75 -5.65
C ILE A 79 1.91 6.13 -5.12
N ARG A 80 2.33 7.21 -5.77
CA ARG A 80 1.99 8.51 -5.22
C ARG A 80 0.55 8.94 -5.52
N GLU A 81 -0.09 8.28 -6.50
CA GLU A 81 -1.46 8.65 -6.87
C GLU A 81 -2.51 7.67 -6.42
N CYS A 82 -2.09 6.48 -6.01
CA CYS A 82 -3.01 5.41 -5.68
C CYS A 82 -2.87 4.96 -4.23
N SER A 83 -3.53 3.85 -3.90
CA SER A 83 -3.56 3.40 -2.51
C SER A 83 -2.18 2.98 -2.03
N GLY A 84 -1.29 2.69 -2.98
CA GLY A 84 0.00 2.11 -2.66
C GLY A 84 0.00 0.61 -2.49
N ILE A 85 -1.19 0.01 -2.42
CA ILE A 85 -1.27 -1.45 -2.29
C ILE A 85 -1.31 -2.00 -3.71
N VAL A 86 -0.11 -2.13 -4.29
CA VAL A 86 0.03 -2.41 -5.72
C VAL A 86 -0.11 -3.89 -5.97
N CYS A 87 -1.02 -4.24 -6.86
CA CYS A 87 -1.32 -5.64 -7.10
C CYS A 87 -0.77 -6.07 -8.44
N LEU A 88 -0.24 -7.27 -8.47
CA LEU A 88 0.30 -7.86 -9.68
C LEU A 88 -0.67 -8.93 -10.14
N CYS A 89 -1.30 -8.71 -11.28
CA CYS A 89 -2.29 -9.64 -11.81
C CYS A 89 -1.63 -10.62 -12.79
N LEU A 90 -1.79 -11.92 -12.50
CA LEU A 90 -1.11 -13.00 -13.20
C LEU A 90 -2.08 -14.03 -13.74
N THR A 91 -1.68 -14.76 -14.78
CA THR A 91 -2.47 -15.92 -15.18
C THR A 91 -2.37 -17.02 -14.12
N GLU A 92 -3.30 -17.96 -14.14
CA GLU A 92 -3.19 -19.14 -13.26
C GLU A 92 -1.88 -19.87 -13.51
N ALA A 93 -1.50 -20.02 -14.77
CA ALA A 93 -0.25 -20.71 -15.10
C ALA A 93 0.98 -19.99 -14.52
N GLN A 94 1.01 -18.66 -14.61
CA GLN A 94 2.17 -17.92 -14.08
C GLN A 94 2.22 -17.97 -12.56
N ALA A 95 1.07 -17.87 -11.91
CA ALA A 95 1.05 -17.99 -10.45
C ALA A 95 1.50 -19.40 -10.05
N ASP A 96 1.09 -20.40 -10.81
CA ASP A 96 1.52 -21.78 -10.54
C ASP A 96 3.04 -21.93 -10.68
N ARG A 97 3.61 -21.26 -11.67
CA ARG A 97 5.05 -21.29 -11.89
C ARG A 97 5.80 -20.74 -10.67
N LEU A 98 5.15 -19.86 -9.92
CA LEU A 98 5.75 -19.25 -8.74
C LEU A 98 5.47 -20.04 -7.47
N ALA A 99 4.70 -21.12 -7.62
CA ALA A 99 4.21 -21.92 -6.50
C ALA A 99 3.42 -21.06 -5.50
N LEU A 100 2.71 -20.07 -6.00
CA LEU A 100 1.84 -19.29 -5.13
C LEU A 100 0.67 -20.19 -4.72
N PRO A 101 0.13 -19.98 -3.51
CA PRO A 101 -1.04 -20.73 -3.07
C PRO A 101 -2.20 -20.57 -4.05
N PRO A 102 -3.03 -21.63 -4.20
CA PRO A 102 -4.11 -21.63 -5.20
C PRO A 102 -5.31 -20.78 -4.79
N THR A 116 -3.27 -12.96 3.10
CA THR A 116 -2.73 -12.16 2.00
C THR A 116 -1.37 -12.67 1.55
N VAL A 117 -1.25 -12.93 0.25
CA VAL A 117 0.02 -13.32 -0.35
C VAL A 117 0.80 -12.07 -0.79
N SER A 118 2.08 -11.97 -0.38
CA SER A 118 2.90 -10.84 -0.82
C SER A 118 4.31 -11.30 -1.11
N ILE A 119 4.96 -10.63 -2.06
CA ILE A 119 6.23 -11.12 -2.59
C ILE A 119 7.27 -10.02 -2.77
N GLU A 120 8.52 -10.45 -2.85
CA GLU A 120 9.67 -9.58 -3.07
C GLU A 120 10.68 -10.36 -3.90
N ALA A 121 11.32 -9.72 -4.88
CA ALA A 121 12.44 -10.37 -5.56
C ALA A 121 13.51 -10.71 -4.54
N LYS A 122 14.08 -11.92 -4.65
CA LYS A 122 15.22 -12.30 -3.82
C LYS A 122 16.45 -11.45 -4.17
N HIS A 123 16.64 -11.21 -5.46
CA HIS A 123 17.80 -10.49 -5.95
C HIS A 123 17.43 -9.23 -6.71
N GLY A 124 18.34 -8.26 -6.66
CA GLY A 124 18.18 -7.06 -7.46
C GLY A 124 17.51 -5.92 -6.71
N VAL A 125 17.28 -6.09 -5.42
CA VAL A 125 16.58 -5.06 -4.64
C VAL A 125 17.38 -4.65 -3.39
N THR A 126 16.93 -3.59 -2.72
CA THR A 126 17.44 -3.30 -1.39
C THR A 126 16.35 -3.61 -0.39
N THR A 127 15.54 -2.61 -0.01
CA THR A 127 14.51 -2.82 1.01
C THR A 127 13.17 -3.24 0.41
N GLY A 128 13.09 -3.35 -0.91
CA GLY A 128 11.91 -3.93 -1.55
C GLY A 128 10.77 -2.98 -1.83
N VAL A 129 10.70 -1.88 -1.09
CA VAL A 129 9.51 -1.06 -1.14
C VAL A 129 9.60 0.15 -2.11
N SER A 130 10.79 0.53 -2.53
CA SER A 130 10.89 1.62 -3.50
C SER A 130 10.20 1.29 -4.80
N ALA A 131 9.87 2.32 -5.58
CA ALA A 131 9.25 2.12 -6.89
C ALA A 131 10.12 1.18 -7.73
N GLN A 132 11.43 1.42 -7.77
CA GLN A 132 12.30 0.56 -8.55
C GLN A 132 12.29 -0.89 -8.09
N ASP A 133 12.32 -1.10 -6.77
CA ASP A 133 12.35 -2.46 -6.24
C ASP A 133 11.03 -3.17 -6.53
N ARG A 134 9.92 -2.45 -6.43
CA ARG A 134 8.64 -3.09 -6.71
C ARG A 134 8.58 -3.49 -8.18
N VAL A 135 9.10 -2.65 -9.06
CA VAL A 135 9.16 -3.03 -10.48
C VAL A 135 10.04 -4.28 -10.66
N THR A 136 11.18 -4.31 -9.97
CA THR A 136 12.04 -5.49 -10.03
C THR A 136 11.32 -6.76 -9.59
N THR A 137 10.60 -6.67 -8.47
CA THR A 137 9.81 -7.77 -7.97
C THR A 137 8.77 -8.21 -9.01
N ILE A 138 8.09 -7.23 -9.59
CA ILE A 138 7.03 -7.49 -10.55
C ILE A 138 7.58 -8.16 -11.81
N LYS A 139 8.69 -7.65 -12.33
CA LYS A 139 9.31 -8.22 -13.51
C LYS A 139 9.79 -9.63 -13.25
N THR A 140 10.38 -9.84 -12.08
CA THR A 140 10.86 -11.15 -11.65
C THR A 140 9.72 -12.15 -11.55
N ALA A 141 8.63 -11.74 -10.92
CA ALA A 141 7.48 -12.60 -10.69
C ALA A 141 6.73 -12.94 -11.97
N ALA A 142 6.67 -11.98 -12.89
CA ALA A 142 5.89 -12.13 -14.13
C ALA A 142 6.71 -12.80 -15.22
N ASN A 143 8.01 -12.94 -15.00
CA ASN A 143 8.87 -13.57 -15.99
C ASN A 143 8.41 -14.99 -16.30
N PRO A 144 8.11 -15.30 -17.57
CA PRO A 144 7.65 -16.66 -17.87
C PRO A 144 8.69 -17.74 -17.54
N GLN A 145 9.93 -17.32 -17.27
CA GLN A 145 11.02 -18.25 -16.94
C GLN A 145 11.24 -18.32 -15.43
N ALA A 146 10.37 -17.63 -14.67
CA ALA A 146 10.47 -17.57 -13.22
C ALA A 146 10.43 -18.94 -12.55
N LYS A 147 11.18 -19.06 -11.45
CA LYS A 147 11.11 -20.20 -10.55
C LYS A 147 10.67 -19.68 -9.18
N PRO A 148 10.09 -20.56 -8.34
CA PRO A 148 9.63 -20.08 -7.04
C PRO A 148 10.73 -19.44 -6.19
N GLU A 149 11.95 -19.97 -6.27
CA GLU A 149 13.05 -19.47 -5.46
C GLU A 149 13.52 -18.08 -5.89
N ASP A 150 12.98 -17.56 -7.00
CA ASP A 150 13.26 -16.19 -7.42
C ASP A 150 12.63 -15.16 -6.50
N LEU A 151 11.65 -15.58 -5.72
CA LEU A 151 10.91 -14.69 -4.84
C LEU A 151 11.02 -15.04 -3.37
N ALA A 152 11.00 -14.01 -2.55
CA ALA A 152 10.85 -14.16 -1.11
C ALA A 152 9.44 -13.75 -0.72
N ARG A 153 8.99 -14.27 0.43
CA ARG A 153 7.74 -13.82 1.03
C ARG A 153 8.01 -13.57 2.51
N PRO A 154 7.39 -12.53 3.09
CA PRO A 154 6.46 -11.59 2.44
C PRO A 154 7.18 -10.47 1.70
N GLY A 155 6.42 -9.49 1.22
CA GLY A 155 6.99 -8.37 0.50
C GLY A 155 6.01 -7.25 0.30
N HIS A 156 6.31 -6.37 -0.66
CA HIS A 156 5.50 -5.19 -0.88
C HIS A 156 4.71 -5.20 -2.20
N VAL A 157 4.67 -6.36 -2.85
CA VAL A 157 3.87 -6.52 -4.06
C VAL A 157 2.88 -7.64 -3.79
N PHE A 158 1.62 -7.45 -4.20
CA PHE A 158 0.57 -8.40 -3.86
C PHE A 158 0.04 -9.10 -5.12
N PRO A 159 0.44 -10.37 -5.31
CA PRO A 159 0.03 -11.07 -6.54
C PRO A 159 -1.39 -11.63 -6.45
N LEU A 160 -2.07 -11.62 -7.59
CA LEU A 160 -3.46 -12.06 -7.70
C LEU A 160 -3.59 -12.97 -8.91
N ARG A 161 -4.36 -14.05 -8.78
CA ARG A 161 -4.60 -14.97 -9.90
C ARG A 161 -5.87 -14.59 -10.64
N ALA A 162 -5.75 -14.35 -11.95
CA ALA A 162 -6.94 -14.17 -12.79
C ALA A 162 -7.61 -15.51 -13.06
N ARG A 163 -8.93 -15.54 -12.97
CA ARG A 163 -9.70 -16.74 -13.33
C ARG A 163 -9.55 -17.11 -14.78
N ALA A 164 -9.49 -18.41 -15.07
CA ALA A 164 -9.63 -18.87 -16.44
C ALA A 164 -10.92 -18.30 -17.01
N GLY A 165 -10.84 -17.80 -18.24
CA GLY A 165 -11.99 -17.18 -18.89
C GLY A 165 -11.99 -15.67 -18.74
N GLY A 166 -11.18 -15.15 -17.82
CA GLY A 166 -11.12 -13.71 -17.67
C GLY A 166 -12.45 -13.08 -17.29
N VAL A 167 -12.75 -11.93 -17.88
CA VAL A 167 -13.94 -11.18 -17.49
C VAL A 167 -15.22 -11.91 -17.91
N LEU A 168 -15.07 -12.91 -18.78
CA LEU A 168 -16.22 -13.73 -19.16
C LEU A 168 -16.54 -14.80 -18.11
N ALA A 169 -15.62 -15.01 -17.17
CA ALA A 169 -15.86 -15.95 -16.07
C ALA A 169 -16.09 -15.18 -14.77
N ARG A 170 -15.36 -14.08 -14.59
CA ARG A 170 -15.44 -13.30 -13.36
C ARG A 170 -15.15 -11.84 -13.68
N ARG A 171 -16.09 -10.95 -13.36
CA ARG A 171 -15.92 -9.54 -13.70
C ARG A 171 -15.07 -8.78 -12.68
N GLY A 172 -13.91 -9.30 -12.36
CA GLY A 172 -13.01 -8.63 -11.43
C GLY A 172 -11.98 -7.81 -12.16
N HIS A 173 -11.38 -6.86 -11.45
CA HIS A 173 -10.32 -6.06 -12.05
C HIS A 173 -9.05 -6.89 -12.28
N THR A 174 -8.92 -7.99 -11.53
CA THR A 174 -7.81 -8.91 -11.76
C THR A 174 -7.92 -9.53 -13.14
N GLU A 175 -9.10 -10.06 -13.42
CA GLU A 175 -9.40 -10.59 -14.76
C GLU A 175 -9.32 -9.53 -15.84
N GLY A 176 -9.80 -8.33 -15.53
CA GLY A 176 -9.76 -7.25 -16.50
C GLY A 176 -8.34 -6.90 -16.90
N THR A 177 -7.46 -6.87 -15.90
CA THR A 177 -6.08 -6.52 -16.15
C THR A 177 -5.41 -7.54 -17.07
N VAL A 178 -5.57 -8.82 -16.75
CA VAL A 178 -4.90 -9.85 -17.53
C VAL A 178 -5.52 -9.97 -18.91
N ASP A 179 -6.84 -9.83 -19.01
CA ASP A 179 -7.51 -9.87 -20.31
C ASP A 179 -7.01 -8.74 -21.21
N LEU A 180 -6.89 -7.54 -20.66
CA LEU A 180 -6.37 -6.41 -21.43
C LEU A 180 -4.99 -6.70 -22.01
N MET A 181 -4.11 -7.30 -21.22
CA MET A 181 -2.78 -7.61 -21.71
C MET A 181 -2.86 -8.65 -22.82
N GLN A 182 -3.68 -9.68 -22.61
CA GLN A 182 -3.87 -10.70 -23.63
C GLN A 182 -4.50 -10.14 -24.90
N MET A 183 -5.51 -9.30 -24.74
CA MET A 183 -6.17 -8.68 -25.89
C MET A 183 -5.22 -7.73 -26.62
N ALA A 184 -4.26 -7.16 -25.90
CA ALA A 184 -3.32 -6.22 -26.51
C ALA A 184 -2.12 -6.93 -27.15
N GLY A 185 -2.02 -8.24 -26.91
CA GLY A 185 -0.91 -9.04 -27.42
C GLY A 185 0.38 -8.88 -26.63
N LEU A 186 0.25 -8.58 -25.34
CA LEU A 186 1.39 -8.29 -24.50
C LEU A 186 1.62 -9.42 -23.51
N GLN A 187 2.76 -9.38 -22.83
CA GLN A 187 3.02 -10.24 -21.69
C GLN A 187 1.78 -10.22 -20.80
N PRO A 188 1.26 -11.41 -20.44
CA PRO A 188 -0.07 -11.46 -19.82
C PRO A 188 -0.04 -11.19 -18.31
N ALA A 189 0.53 -10.05 -17.96
CA ALA A 189 0.65 -9.63 -16.57
C ALA A 189 0.51 -8.11 -16.53
N GLY A 190 -0.20 -7.61 -15.53
CA GLY A 190 -0.32 -6.18 -15.38
C GLY A 190 -0.37 -5.83 -13.92
N VAL A 191 -0.14 -4.57 -13.62
CA VAL A 191 -0.25 -4.09 -12.24
C VAL A 191 -1.42 -3.14 -12.11
N LEU A 192 -2.08 -3.18 -10.96
CA LEU A 192 -3.23 -2.32 -10.73
C LEU A 192 -3.15 -1.70 -9.35
N CYS A 193 -3.77 -0.54 -9.20
CA CYS A 193 -3.84 0.11 -7.90
C CYS A 193 -4.96 1.14 -7.93
N GLU A 194 -5.61 1.32 -6.79
CA GLU A 194 -6.82 2.14 -6.70
C GLU A 194 -6.50 3.63 -6.66
N LEU A 195 -7.05 4.40 -7.60
CA LEU A 195 -6.79 5.83 -7.65
C LEU A 195 -7.39 6.54 -6.45
N THR A 196 -6.53 7.27 -5.73
CA THR A 196 -6.92 7.94 -4.50
C THR A 196 -6.75 9.45 -4.62
N ASN A 197 -7.82 10.20 -4.35
CA ASN A 197 -7.71 11.66 -4.31
C ASN A 197 -6.70 12.08 -3.24
N PRO A 198 -6.05 13.23 -3.43
CA PRO A 198 -5.04 13.64 -2.43
C PRO A 198 -5.61 13.77 -1.03
N ASP A 199 -6.90 14.06 -0.86
CA ASP A 199 -7.45 14.17 0.49
C ASP A 199 -7.74 12.80 1.10
N GLY A 200 -7.39 11.74 0.37
CA GLY A 200 -7.55 10.39 0.88
C GLY A 200 -8.82 9.68 0.49
N SER A 201 -9.80 10.42 -0.02
CA SER A 201 -11.00 9.76 -0.52
C SER A 201 -10.67 9.05 -1.82
N MET A 202 -11.46 8.05 -2.20
CA MET A 202 -11.21 7.35 -3.44
C MET A 202 -11.78 8.12 -4.62
N ALA A 203 -11.04 8.13 -5.72
CA ALA A 203 -11.53 8.77 -6.93
C ALA A 203 -12.75 8.01 -7.42
N LYS A 204 -13.84 8.74 -7.65
CA LYS A 204 -15.03 8.16 -8.28
C LYS A 204 -14.99 8.45 -9.76
N THR A 205 -15.94 7.90 -10.50
CA THR A 205 -15.95 8.05 -11.96
C THR A 205 -15.63 9.48 -12.47
N PRO A 206 -16.25 10.53 -11.90
CA PRO A 206 -15.91 11.87 -12.41
C PRO A 206 -14.45 12.24 -12.24
N GLU A 207 -13.86 11.87 -11.10
CA GLU A 207 -12.46 12.17 -10.83
CA GLU A 207 -12.47 12.19 -10.84
C GLU A 207 -11.54 11.32 -11.68
N ILE A 208 -11.97 10.08 -11.94
CA ILE A 208 -11.20 9.18 -12.77
CA ILE A 208 -11.25 9.16 -12.80
C ILE A 208 -11.12 9.74 -14.20
N ILE A 209 -12.25 10.26 -14.69
CA ILE A 209 -12.29 10.88 -16.00
C ILE A 209 -11.30 12.04 -16.07
N GLU A 210 -11.30 12.88 -15.05
CA GLU A 210 -10.38 14.01 -15.03
C GLU A 210 -8.92 13.56 -14.94
N PHE A 211 -8.65 12.51 -14.17
CA PHE A 211 -7.30 12.00 -14.09
C PHE A 211 -6.85 11.47 -15.45
N GLY A 212 -7.78 10.82 -16.15
CA GLY A 212 -7.51 10.30 -17.47
C GLY A 212 -7.14 11.36 -18.47
N LYS A 213 -7.79 12.53 -18.37
CA LYS A 213 -7.46 13.65 -19.24
C LYS A 213 -6.10 14.23 -18.92
N LEU A 214 -5.85 14.42 -17.63
CA LEU A 214 -4.58 15.00 -17.15
C LEU A 214 -3.39 14.16 -17.55
N HIS A 215 -3.56 12.83 -17.50
CA HIS A 215 -2.44 11.93 -17.71
C HIS A 215 -2.56 11.17 -19.02
N ASN A 216 -3.54 11.53 -19.83
CA ASN A 216 -3.79 10.88 -21.12
C ASN A 216 -3.86 9.37 -20.99
N MET A 217 -4.69 8.92 -20.04
CA MET A 217 -4.94 7.49 -19.84
C MET A 217 -6.38 7.18 -20.23
N PRO A 218 -6.58 6.34 -21.25
CA PRO A 218 -7.95 6.00 -21.64
C PRO A 218 -8.72 5.35 -20.50
N VAL A 219 -10.01 5.67 -20.40
CA VAL A 219 -10.87 5.12 -19.38
C VAL A 219 -11.77 4.08 -20.02
N LEU A 220 -11.87 2.90 -19.41
CA LEU A 220 -12.78 1.88 -19.92
C LEU A 220 -13.38 1.12 -18.75
N THR A 221 -14.40 0.31 -19.02
CA THR A 221 -15.04 -0.48 -17.98
C THR A 221 -14.96 -1.98 -18.25
N ILE A 222 -15.16 -2.76 -17.20
CA ILE A 222 -15.24 -4.22 -17.32
CA ILE A 222 -15.22 -4.21 -17.35
C ILE A 222 -16.40 -4.59 -18.26
N GLU A 223 -17.50 -3.85 -18.15
CA GLU A 223 -18.64 -4.03 -19.05
C GLU A 223 -18.21 -3.81 -20.49
N ASP A 224 -17.44 -2.76 -20.76
CA ASP A 224 -16.92 -2.55 -22.12
C ASP A 224 -16.14 -3.77 -22.62
N MET A 225 -15.26 -4.28 -21.77
CA MET A 225 -14.44 -5.44 -22.10
C MET A 225 -15.28 -6.68 -22.39
N VAL A 226 -16.31 -6.90 -21.58
CA VAL A 226 -17.21 -8.02 -21.83
C VAL A 226 -17.87 -7.86 -23.19
N GLN A 227 -18.36 -6.66 -23.50
CA GLN A 227 -18.98 -6.44 -24.80
C GLN A 227 -17.99 -6.67 -25.95
N TYR A 228 -16.77 -6.24 -25.76
CA TYR A 228 -15.74 -6.46 -26.78
C TYR A 228 -15.49 -7.96 -26.98
N ARG A 229 -15.33 -8.71 -25.90
CA ARG A 229 -14.96 -10.11 -26.02
C ARG A 229 -16.13 -10.92 -26.57
N ILE A 230 -17.35 -10.56 -26.19
CA ILE A 230 -18.53 -11.22 -26.74
C ILE A 230 -18.60 -11.02 -28.25
N GLN A 231 -18.18 -9.85 -28.72
CA GLN A 231 -18.23 -9.55 -30.14
C GLN A 231 -17.12 -10.24 -30.93
N PHE A 232 -15.91 -10.31 -30.36
CA PHE A 232 -14.73 -10.72 -31.13
C PHE A 232 -14.10 -12.04 -30.72
N ASP A 233 -14.43 -12.56 -29.54
CA ASP A 233 -13.81 -13.80 -29.07
C ASP A 233 -14.71 -15.03 -29.22
N LEU A 234 -16.00 -14.79 -29.49
CA LEU A 234 -16.97 -15.89 -29.56
C LEU A 234 -17.09 -16.46 -30.98
N LYS A 235 -17.31 -17.76 -31.08
CA LYS A 235 -17.62 -18.38 -32.36
C LYS A 235 -19.01 -17.92 -32.84
N LEU A 236 -19.11 -17.56 -34.11
CA LEU A 236 -20.35 -17.01 -34.65
C LEU A 236 -21.07 -18.00 -35.56
N ALA A 237 -20.42 -19.09 -35.91
CA ALA A 237 -20.99 -20.09 -36.80
C ALA A 237 -21.74 -21.17 -36.03
N LEU B 25 23.07 14.92 10.29
CA LEU B 25 22.39 16.14 10.72
C LEU B 25 21.29 15.86 11.75
N LEU B 26 21.26 14.62 12.25
CA LEU B 26 20.25 14.20 13.21
C LEU B 26 20.30 15.00 14.52
N ALA B 27 21.48 15.48 14.88
CA ALA B 27 21.60 16.25 16.12
C ALA B 27 20.87 17.60 16.03
N GLU B 28 20.36 17.96 14.85
CA GLU B 28 19.56 19.17 14.76
CA GLU B 28 19.51 19.15 14.70
C GLU B 28 18.21 18.98 15.48
N PHE B 29 17.90 17.72 15.81
CA PHE B 29 16.69 17.44 16.55
C PHE B 29 16.97 17.28 18.03
N GLY B 30 18.22 17.56 18.41
CA GLY B 30 18.64 17.48 19.80
C GLY B 30 19.54 16.31 20.12
N ASP B 31 19.97 16.24 21.37
CA ASP B 31 20.64 15.07 21.90
C ASP B 31 19.65 13.88 21.93
N PRO B 32 20.16 12.63 22.05
CA PRO B 32 19.24 11.49 21.98
C PRO B 32 18.10 11.48 23.01
N ILE B 33 18.33 12.00 24.21
CA ILE B 33 17.25 12.04 25.19
C ILE B 33 16.20 13.07 24.79
N THR B 34 16.64 14.25 24.37
CA THR B 34 15.73 15.27 23.84
C THR B 34 14.93 14.74 22.65
N ARG B 35 15.57 13.95 21.80
CA ARG B 35 14.85 13.42 20.62
C ARG B 35 13.68 12.54 21.06
N VAL B 36 13.89 11.71 22.07
CA VAL B 36 12.79 10.89 22.59
C VAL B 36 11.72 11.78 23.24
N GLU B 37 12.14 12.72 24.08
CA GLU B 37 11.15 13.55 24.79
C GLU B 37 10.28 14.34 23.82
N ASN B 38 10.91 14.90 22.79
CA ASN B 38 10.17 15.68 21.80
C ASN B 38 9.21 14.79 21.02
N ALA B 39 9.62 13.55 20.76
CA ALA B 39 8.76 12.63 20.05
C ALA B 39 7.53 12.27 20.89
N LEU B 40 7.75 11.94 22.16
CA LEU B 40 6.65 11.65 23.07
C LEU B 40 5.67 12.81 23.15
N GLN B 41 6.19 14.03 23.26
CA GLN B 41 5.33 15.20 23.40
C GLN B 41 4.54 15.46 22.13
N ALA B 42 5.17 15.29 20.97
CA ALA B 42 4.44 15.43 19.72
C ALA B 42 3.27 14.45 19.66
N LEU B 43 3.51 13.21 20.06
CA LEU B 43 2.45 12.22 20.06
C LEU B 43 1.34 12.60 21.05
N ARG B 44 1.71 13.11 22.22
CA ARG B 44 0.70 13.56 23.18
C ARG B 44 -0.16 14.67 22.60
N GLU B 45 0.42 15.45 21.70
CA GLU B 45 -0.26 16.56 21.05
C GLU B 45 -1.03 16.14 19.82
N GLY B 46 -0.96 14.85 19.49
CA GLY B 46 -1.69 14.35 18.34
C GLY B 46 -0.95 14.48 17.02
N ARG B 47 0.34 14.78 17.09
CA ARG B 47 1.14 14.99 15.90
C ARG B 47 1.96 13.74 15.59
N GLY B 48 2.52 13.67 14.39
CA GLY B 48 3.32 12.54 14.00
C GLY B 48 4.80 12.69 14.26
N VAL B 49 5.51 11.57 14.17
CA VAL B 49 6.95 11.54 14.34
C VAL B 49 7.54 10.66 13.24
N LEU B 50 8.86 10.72 13.09
CA LEU B 50 9.58 9.94 12.10
C LEU B 50 10.60 9.06 12.79
N LEU B 51 10.65 7.79 12.42
CA LEU B 51 11.50 6.81 13.10
C LEU B 51 12.51 6.13 12.17
N LEU B 52 13.75 6.06 12.63
CA LEU B 52 14.87 5.40 11.99
C LEU B 52 15.46 4.36 12.93
N ASP B 53 16.25 3.43 12.40
CA ASP B 53 16.93 2.45 13.26
C ASP B 53 17.96 3.07 14.18
N ASP B 54 18.80 3.90 13.57
CA ASP B 54 19.86 4.62 14.26
C ASP B 54 20.30 5.79 13.37
N GLU B 55 21.47 6.35 13.64
CA GLU B 55 21.87 7.59 13.00
C GLU B 55 22.44 7.38 11.61
N ASP B 56 22.64 6.12 11.21
CA ASP B 56 23.30 5.85 9.93
C ASP B 56 22.58 6.51 8.75
N ARG B 57 23.35 7.16 7.88
CA ARG B 57 22.81 7.95 6.79
C ARG B 57 21.99 7.12 5.80
N GLU B 58 22.27 5.82 5.71
CA GLU B 58 21.61 4.98 4.73
C GLU B 58 20.27 4.40 5.20
N ASN B 59 19.93 4.63 6.47
CA ASN B 59 18.63 4.16 6.98
C ASN B 59 17.45 4.77 6.27
N GLU B 60 16.40 3.98 6.12
CA GLU B 60 15.12 4.48 5.61
C GLU B 60 14.16 4.65 6.77
N GLY B 61 13.29 5.65 6.67
CA GLY B 61 12.50 6.05 7.81
C GLY B 61 11.00 5.95 7.59
N ASP B 62 10.26 5.85 8.70
CA ASP B 62 8.81 5.76 8.67
C ASP B 62 8.12 6.92 9.38
N ILE B 63 6.96 7.27 8.87
CA ILE B 63 6.05 8.13 9.60
C ILE B 63 5.28 7.28 10.62
N ILE B 64 5.15 7.83 11.83
CA ILE B 64 4.36 7.20 12.87
CA ILE B 64 4.39 7.20 12.88
C ILE B 64 3.30 8.14 13.38
N TYR B 65 2.06 7.64 13.51
CA TYR B 65 0.98 8.41 14.15
C TYR B 65 0.37 7.57 15.26
N ALA B 66 -0.01 8.24 16.35
CA ALA B 66 -0.83 7.63 17.38
C ALA B 66 -2.22 7.28 16.87
N VAL B 67 -2.70 6.09 17.22
CA VAL B 67 -4.07 5.73 16.85
C VAL B 67 -5.11 6.56 17.62
N GLU B 68 -4.80 6.89 18.87
CA GLU B 68 -5.74 7.61 19.75
C GLU B 68 -6.27 8.89 19.11
N SER B 69 -5.41 9.56 18.36
CA SER B 69 -5.71 10.84 17.75
C SER B 69 -5.72 10.84 16.21
N LEU B 70 -5.70 9.64 15.63
CA LEU B 70 -5.56 9.49 14.19
C LEU B 70 -6.74 10.11 13.45
N THR B 71 -6.41 10.94 12.45
CA THR B 71 -7.44 11.59 11.66
C THR B 71 -7.39 11.11 10.23
N THR B 72 -8.49 11.33 9.51
CA THR B 72 -8.51 11.08 8.09
C THR B 72 -7.40 11.85 7.37
N ALA B 73 -7.17 13.10 7.76
CA ALA B 73 -6.11 13.89 7.11
C ALA B 73 -4.71 13.32 7.34
N GLN B 74 -4.45 12.74 8.51
CA GLN B 74 -3.15 12.11 8.74
C GLN B 74 -2.99 10.86 7.91
N MET B 75 -4.05 10.06 7.80
CA MET B 75 -4.01 8.87 6.97
C MET B 75 -3.85 9.26 5.50
N ALA B 76 -4.51 10.35 5.10
CA ALA B 76 -4.36 10.82 3.73
C ALA B 76 -2.92 11.23 3.45
N LEU B 77 -2.27 11.88 4.41
CA LEU B 77 -0.88 12.25 4.24
C LEU B 77 -0.03 11.00 4.09
N MET B 78 -0.25 10.01 4.94
CA MET B 78 0.48 8.75 4.81
C MET B 78 0.36 8.15 3.43
N ILE B 79 -0.86 8.07 2.92
CA ILE B 79 -1.07 7.49 1.61
C ILE B 79 -0.41 8.30 0.50
N ARG B 80 -0.42 9.63 0.62
CA ARG B 80 0.25 10.52 -0.34
C ARG B 80 1.76 10.44 -0.31
N GLU B 81 2.31 10.35 0.89
CA GLU B 81 3.74 10.54 1.10
C GLU B 81 4.51 9.26 1.28
N CYS B 82 3.80 8.18 1.62
CA CYS B 82 4.46 6.94 2.00
C CYS B 82 4.16 5.79 1.05
N SER B 83 4.60 4.59 1.41
CA SER B 83 4.44 3.43 0.53
C SER B 83 2.98 3.09 0.31
N GLY B 84 2.13 3.50 1.23
CA GLY B 84 0.72 3.16 1.18
C GLY B 84 0.40 1.85 1.87
N ILE B 85 1.43 1.07 2.19
CA ILE B 85 1.21 -0.19 2.88
C ILE B 85 1.25 0.18 4.36
N VAL B 86 0.12 0.69 4.85
CA VAL B 86 0.04 1.25 6.20
C VAL B 86 -0.15 0.14 7.21
N CYS B 87 0.77 0.07 8.18
CA CYS B 87 0.78 -0.99 9.17
C CYS B 87 0.22 -0.48 10.49
N LEU B 88 -0.56 -1.32 11.15
CA LEU B 88 -1.12 -1.02 12.46
C LEU B 88 -0.37 -1.84 13.48
N CYS B 89 0.34 -1.15 14.37
CA CYS B 89 1.18 -1.81 15.36
C CYS B 89 0.43 -1.96 16.67
N LEU B 90 0.34 -3.21 17.14
CA LEU B 90 -0.48 -3.58 18.29
C LEU B 90 0.30 -4.30 19.36
N THR B 91 -0.21 -4.28 20.59
CA THR B 91 0.34 -5.14 21.62
C THR B 91 -0.05 -6.59 21.33
N GLU B 92 0.72 -7.51 21.91
CA GLU B 92 0.33 -8.93 21.87
C GLU B 92 -1.08 -9.12 22.40
N ALA B 93 -1.40 -8.46 23.53
CA ALA B 93 -2.74 -8.57 24.11
C ALA B 93 -3.83 -8.12 23.16
N GLN B 94 -3.63 -6.99 22.49
CA GLN B 94 -4.64 -6.51 21.57
C GLN B 94 -4.75 -7.42 20.35
N ALA B 95 -3.62 -7.93 19.87
CA ALA B 95 -3.65 -8.82 18.72
C ALA B 95 -4.34 -10.14 19.09
N ASP B 96 -4.12 -10.61 20.32
CA ASP B 96 -4.84 -11.81 20.79
C ASP B 96 -6.34 -11.55 20.87
N ARG B 97 -6.70 -10.35 21.32
CA ARG B 97 -8.12 -9.98 21.44
C ARG B 97 -8.80 -10.02 20.07
N LEU B 98 -8.06 -9.67 19.02
CA LEU B 98 -8.57 -9.73 17.65
C LEU B 98 -8.46 -11.11 17.03
N ALA B 99 -7.85 -12.05 17.76
CA ALA B 99 -7.56 -13.39 17.24
C ALA B 99 -6.76 -13.32 15.93
N LEU B 100 -5.76 -12.46 15.92
CA LEU B 100 -4.81 -12.45 14.81
C LEU B 100 -3.85 -13.63 14.97
N PRO B 101 -3.35 -14.16 13.85
CA PRO B 101 -2.34 -15.23 13.89
C PRO B 101 -1.17 -14.91 14.81
N PRO B 102 -0.70 -15.89 15.59
CA PRO B 102 0.32 -15.64 16.61
C PRO B 102 1.66 -15.24 15.99
N MET B 103 2.56 -14.68 16.80
CA MET B 103 3.88 -14.28 16.31
C MET B 103 4.95 -15.26 16.76
N ALA B 114 5.33 -16.29 6.12
CA ALA B 114 4.93 -16.83 4.82
C ALA B 114 3.82 -15.99 4.20
N PHE B 115 2.76 -15.75 4.98
CA PHE B 115 1.63 -14.96 4.50
C PHE B 115 1.53 -13.61 5.21
N THR B 116 0.79 -12.69 4.61
CA THR B 116 0.57 -11.37 5.19
C THR B 116 -0.86 -11.31 5.76
N VAL B 117 -0.98 -10.78 6.97
CA VAL B 117 -2.28 -10.59 7.58
C VAL B 117 -2.81 -9.21 7.20
N SER B 118 -4.05 -9.14 6.75
CA SER B 118 -4.66 -7.84 6.46
C SER B 118 -6.11 -7.85 6.94
N ILE B 119 -6.60 -6.68 7.33
CA ILE B 119 -7.90 -6.57 7.99
C ILE B 119 -8.72 -5.42 7.46
N GLU B 120 -10.03 -5.51 7.69
CA GLU B 120 -10.97 -4.47 7.30
C GLU B 120 -12.09 -4.42 8.33
N ALA B 121 -12.53 -3.21 8.70
CA ALA B 121 -13.68 -3.13 9.61
C ALA B 121 -14.88 -3.84 8.97
N LYS B 122 -15.60 -4.62 9.77
CA LYS B 122 -16.81 -5.29 9.29
C LYS B 122 -17.89 -4.27 8.96
N HIS B 123 -18.00 -3.24 9.79
CA HIS B 123 -19.04 -2.23 9.67
C HIS B 123 -18.44 -0.83 9.55
N GLY B 124 -19.16 0.08 8.90
CA GLY B 124 -18.77 1.48 8.91
C GLY B 124 -17.81 1.88 7.80
N VAL B 125 -17.58 0.96 6.87
CA VAL B 125 -16.74 1.25 5.70
C VAL B 125 -17.46 0.86 4.41
N THR B 126 -16.92 1.32 3.28
CA THR B 126 -17.42 0.85 2.00
C THR B 126 -16.38 -0.08 1.36
N THR B 127 -15.51 0.47 0.52
CA THR B 127 -14.54 -0.39 -0.17
C THR B 127 -13.26 -0.63 0.67
N GLY B 128 -13.18 0.04 1.82
CA GLY B 128 -12.11 -0.21 2.78
C GLY B 128 -10.81 0.55 2.56
N VAL B 129 -10.60 1.06 1.36
CA VAL B 129 -9.28 1.54 0.98
C VAL B 129 -9.09 3.07 1.14
N SER B 130 -10.18 3.83 1.21
CA SER B 130 -10.07 5.28 1.46
C SER B 130 -9.37 5.59 2.79
N ALA B 131 -8.83 6.80 2.93
CA ALA B 131 -8.19 7.19 4.18
C ALA B 131 -9.18 7.06 5.35
N GLN B 132 -10.42 7.49 5.14
CA GLN B 132 -11.42 7.39 6.20
C GLN B 132 -11.70 5.93 6.57
N ASP B 133 -11.85 5.07 5.57
CA ASP B 133 -12.12 3.67 5.83
C ASP B 133 -10.95 3.01 6.56
N ARG B 134 -9.72 3.37 6.20
CA ARG B 134 -8.58 2.75 6.88
C ARG B 134 -8.54 3.19 8.34
N VAL B 135 -8.88 4.45 8.60
CA VAL B 135 -8.93 4.92 9.98
C VAL B 135 -10.04 4.19 10.73
N THR B 136 -11.19 4.00 10.10
CA THR B 136 -12.28 3.24 10.72
C THR B 136 -11.82 1.82 11.08
N THR B 137 -11.16 1.15 10.14
CA THR B 137 -10.58 -0.16 10.40
C THR B 137 -9.59 -0.14 11.56
N ILE B 138 -8.74 0.88 11.58
CA ILE B 138 -7.70 0.99 12.59
C ILE B 138 -8.28 1.23 13.98
N LYS B 139 -9.26 2.13 14.07
CA LYS B 139 -9.89 2.43 15.34
C LYS B 139 -10.66 1.20 15.85
N THR B 140 -11.29 0.50 14.92
CA THR B 140 -12.04 -0.72 15.22
C THR B 140 -11.11 -1.78 15.77
N ALA B 141 -9.97 -1.96 15.12
CA ALA B 141 -9.02 -2.98 15.52
C ALA B 141 -8.33 -2.66 16.84
N ALA B 142 -8.06 -1.39 17.12
CA ALA B 142 -7.31 -1.00 18.30
C ALA B 142 -8.19 -0.74 19.52
N ASN B 143 -9.50 -0.76 19.30
CA ASN B 143 -10.47 -0.57 20.38
C ASN B 143 -10.23 -1.55 21.54
N PRO B 144 -10.04 -1.01 22.76
CA PRO B 144 -9.75 -1.89 23.90
C PRO B 144 -10.86 -2.90 24.16
N GLN B 145 -12.04 -2.67 23.58
CA GLN B 145 -13.19 -3.56 23.76
C GLN B 145 -13.51 -4.36 22.51
N ALA B 146 -12.56 -4.39 21.57
CA ALA B 146 -12.75 -5.06 20.29
C ALA B 146 -13.05 -6.55 20.43
N LYS B 147 -13.74 -7.10 19.44
CA LYS B 147 -13.99 -8.53 19.31
C LYS B 147 -13.49 -8.97 17.95
N PRO B 148 -13.11 -10.25 17.78
CA PRO B 148 -12.54 -10.70 16.51
C PRO B 148 -13.44 -10.45 15.30
N GLU B 149 -14.74 -10.60 15.50
CA GLU B 149 -15.70 -10.48 14.42
C GLU B 149 -15.98 -9.02 14.05
N ASP B 150 -15.36 -8.08 14.75
CA ASP B 150 -15.42 -6.68 14.37
C ASP B 150 -14.66 -6.44 13.08
N LEU B 151 -13.81 -7.41 12.72
CA LEU B 151 -12.94 -7.30 11.56
C LEU B 151 -13.18 -8.39 10.53
N ALA B 152 -13.12 -8.01 9.27
CA ALA B 152 -13.06 -8.97 8.19
C ALA B 152 -11.62 -9.13 7.73
N ARG B 153 -11.36 -10.26 7.08
CA ARG B 153 -10.09 -10.57 6.46
C ARG B 153 -10.37 -11.14 5.09
N PRO B 154 -9.60 -10.73 4.07
CA PRO B 154 -8.50 -9.76 4.06
C PRO B 154 -8.99 -8.32 4.05
N GLY B 155 -8.08 -7.37 3.86
CA GLY B 155 -8.43 -5.97 3.87
C GLY B 155 -7.27 -5.09 3.45
N HIS B 156 -7.32 -3.82 3.83
CA HIS B 156 -6.33 -2.86 3.37
C HIS B 156 -5.46 -2.25 4.48
N VAL B 157 -5.60 -2.78 5.69
CA VAL B 157 -4.75 -2.36 6.81
C VAL B 157 -3.96 -3.59 7.26
N PHE B 158 -2.68 -3.41 7.60
CA PHE B 158 -1.82 -4.56 7.88
C PHE B 158 -1.35 -4.58 9.33
N PRO B 159 -1.96 -5.43 10.17
CA PRO B 159 -1.61 -5.39 11.59
C PRO B 159 -0.35 -6.17 11.87
N LEU B 160 0.42 -5.66 12.83
CA LEU B 160 1.67 -6.27 13.27
C LEU B 160 1.69 -6.37 14.78
N ARG B 161 2.17 -7.50 15.31
CA ARG B 161 2.30 -7.70 16.75
C ARG B 161 3.64 -7.18 17.25
N ALA B 162 3.61 -6.26 18.20
CA ALA B 162 4.82 -5.84 18.87
C ALA B 162 5.25 -6.87 19.90
N ARG B 163 6.54 -7.19 19.90
CA ARG B 163 7.08 -8.09 20.91
C ARG B 163 6.93 -7.51 22.32
N ALA B 164 6.58 -8.38 23.28
CA ALA B 164 6.62 -8.00 24.68
C ALA B 164 8.00 -7.48 25.01
N GLY B 165 8.04 -6.34 25.68
CA GLY B 165 9.30 -5.69 26.00
C GLY B 165 9.67 -4.61 25.02
N GLY B 166 8.95 -4.51 23.90
CA GLY B 166 9.20 -3.45 22.94
C GLY B 166 10.62 -3.46 22.42
N VAL B 167 11.22 -2.28 22.27
CA VAL B 167 12.54 -2.20 21.64
C VAL B 167 13.65 -2.81 22.49
N LEU B 168 13.36 -3.09 23.75
CA LEU B 168 14.31 -3.81 24.60
C LEU B 168 14.32 -5.31 24.32
N ALA B 169 13.30 -5.80 23.62
CA ALA B 169 13.24 -7.21 23.22
C ALA B 169 13.50 -7.38 21.72
N ARG B 170 13.03 -6.41 20.92
CA ARG B 170 13.25 -6.45 19.49
C ARG B 170 13.32 -5.03 18.93
N ARG B 171 14.40 -4.73 18.24
CA ARG B 171 14.63 -3.39 17.73
C ARG B 171 13.93 -3.16 16.39
N GLY B 172 12.64 -3.48 16.34
CA GLY B 172 11.86 -3.27 15.13
C GLY B 172 11.06 -2.00 15.20
N HIS B 173 10.65 -1.50 14.05
CA HIS B 173 9.80 -0.31 14.06
C HIS B 173 8.42 -0.61 14.63
N THR B 174 7.98 -1.87 14.59
CA THR B 174 6.72 -2.25 15.21
C THR B 174 6.79 -2.02 16.72
N GLU B 175 7.87 -2.49 17.33
CA GLU B 175 8.10 -2.28 18.74
C GLU B 175 8.31 -0.80 19.06
N GLY B 176 9.02 -0.10 18.18
CA GLY B 176 9.26 1.32 18.39
C GLY B 176 7.94 2.07 18.46
N THR B 177 7.03 1.72 17.56
CA THR B 177 5.74 2.37 17.50
C THR B 177 4.94 2.15 18.78
N VAL B 178 4.80 0.89 19.20
CA VAL B 178 3.99 0.62 20.38
C VAL B 178 4.65 1.21 21.62
N ASP B 179 5.98 1.07 21.74
CA ASP B 179 6.71 1.68 22.86
C ASP B 179 6.45 3.18 22.97
N LEU B 180 6.54 3.89 21.85
CA LEU B 180 6.32 5.34 21.87
C LEU B 180 4.95 5.67 22.44
N MET B 181 3.93 4.92 22.04
CA MET B 181 2.59 5.19 22.54
C MET B 181 2.54 4.95 24.05
N GLN B 182 3.12 3.84 24.49
CA GLN B 182 3.09 3.51 25.92
C GLN B 182 3.89 4.55 26.73
N MET B 183 5.05 4.94 26.22
CA MET B 183 5.90 5.90 26.92
C MET B 183 5.21 7.27 26.98
N ALA B 184 4.37 7.56 25.99
CA ALA B 184 3.67 8.84 25.95
C ALA B 184 2.36 8.82 26.75
N GLY B 185 1.98 7.65 27.22
CA GLY B 185 0.75 7.51 27.99
C GLY B 185 -0.50 7.42 27.13
N LEU B 186 -0.36 6.91 25.92
CA LEU B 186 -1.44 6.86 24.96
C LEU B 186 -1.97 5.44 24.78
N GLN B 187 -3.14 5.33 24.16
CA GLN B 187 -3.64 4.05 23.64
C GLN B 187 -2.47 3.36 22.94
N PRO B 188 -2.17 2.11 23.34
CA PRO B 188 -0.91 1.48 22.92
C PRO B 188 -1.00 0.89 21.52
N ALA B 189 -1.35 1.73 20.55
CA ALA B 189 -1.48 1.34 19.15
C ALA B 189 -1.04 2.50 18.30
N GLY B 190 -0.28 2.21 17.25
CA GLY B 190 0.13 3.27 16.35
C GLY B 190 0.13 2.78 14.92
N VAL B 191 0.14 3.70 13.97
CA VAL B 191 0.28 3.33 12.57
C VAL B 191 1.63 3.78 12.04
N LEU B 192 2.13 3.05 11.05
CA LEU B 192 3.48 3.20 10.56
C LEU B 192 3.47 3.06 9.05
N CYS B 193 4.30 3.85 8.36
CA CYS B 193 4.45 3.66 6.92
C CYS B 193 5.74 4.27 6.44
N GLU B 194 6.38 3.62 5.48
CA GLU B 194 7.68 4.05 4.98
C GLU B 194 7.58 5.31 4.14
N LEU B 195 8.38 6.33 4.47
CA LEU B 195 8.34 7.58 3.72
C LEU B 195 9.04 7.43 2.39
N THR B 196 8.40 7.93 1.35
CA THR B 196 9.00 7.96 0.01
C THR B 196 9.43 9.35 -0.39
N ASN B 197 10.32 9.39 -1.36
CA ASN B 197 10.66 10.61 -2.08
C ASN B 197 9.71 10.76 -3.26
N PRO B 198 9.54 11.99 -3.77
CA PRO B 198 8.68 12.23 -4.93
C PRO B 198 8.99 11.33 -6.13
N ASP B 199 10.25 10.96 -6.31
CA ASP B 199 10.60 10.15 -7.48
C ASP B 199 10.43 8.64 -7.26
N GLY B 200 9.81 8.25 -6.14
CA GLY B 200 9.55 6.85 -5.88
C GLY B 200 10.62 6.14 -5.08
N SER B 201 11.78 6.76 -4.93
CA SER B 201 12.79 6.17 -4.06
C SER B 201 12.37 6.38 -2.61
N MET B 202 13.00 5.65 -1.70
CA MET B 202 12.69 5.73 -0.28
C MET B 202 13.48 6.81 0.42
N ALA B 203 12.82 7.57 1.29
CA ALA B 203 13.50 8.63 2.03
C ALA B 203 14.51 8.03 3.00
N LYS B 204 15.78 8.38 2.84
CA LYS B 204 16.77 7.95 3.79
C LYS B 204 17.01 9.06 4.81
N THR B 205 17.90 8.81 5.77
CA THR B 205 18.09 9.73 6.89
C THR B 205 18.14 11.23 6.51
N PRO B 206 18.95 11.63 5.50
CA PRO B 206 18.96 13.07 5.19
C PRO B 206 17.63 13.64 4.77
N GLU B 207 16.87 12.86 4.00
CA GLU B 207 15.57 13.29 3.51
C GLU B 207 14.50 13.20 4.60
N ILE B 208 14.66 12.24 5.51
CA ILE B 208 13.80 12.13 6.68
C ILE B 208 13.94 13.38 7.55
N ILE B 209 15.18 13.82 7.74
CA ILE B 209 15.44 15.01 8.53
C ILE B 209 14.75 16.23 7.90
N GLU B 210 14.88 16.39 6.59
CA GLU B 210 14.25 17.50 5.88
C GLU B 210 12.73 17.43 5.97
N PHE B 211 12.17 16.23 5.84
CA PHE B 211 10.72 16.05 5.97
C PHE B 211 10.26 16.44 7.38
N GLY B 212 11.01 16.02 8.39
CA GLY B 212 10.72 16.37 9.77
C GLY B 212 10.69 17.87 10.00
N LYS B 213 11.67 18.57 9.42
CA LYS B 213 11.67 20.03 9.51
C LYS B 213 10.43 20.65 8.87
N LEU B 214 10.10 20.20 7.67
CA LEU B 214 9.00 20.76 6.90
C LEU B 214 7.65 20.55 7.55
N HIS B 215 7.46 19.38 8.14
CA HIS B 215 6.17 18.97 8.68
C HIS B 215 6.13 19.13 10.20
N ASN B 216 7.18 19.70 10.78
CA ASN B 216 7.28 19.83 12.23
C ASN B 216 7.03 18.48 12.90
N MET B 217 7.74 17.46 12.43
CA MET B 217 7.64 16.12 12.99
C MET B 217 8.98 15.73 13.57
N PRO B 218 9.04 15.52 14.89
CA PRO B 218 10.29 15.07 15.50
C PRO B 218 10.82 13.78 14.87
N VAL B 219 12.13 13.73 14.69
CA VAL B 219 12.82 12.53 14.22
C VAL B 219 13.56 11.87 15.37
N LEU B 220 13.46 10.56 15.49
CA LEU B 220 14.26 9.84 16.49
C LEU B 220 14.63 8.46 15.98
N THR B 221 15.48 7.77 16.74
CA THR B 221 15.87 6.44 16.35
C THR B 221 15.54 5.38 17.40
N ILE B 222 15.53 4.13 16.97
CA ILE B 222 15.31 3.01 17.87
CA ILE B 222 15.29 3.02 17.89
C ILE B 222 16.42 2.98 18.92
N GLU B 223 17.64 3.29 18.50
CA GLU B 223 18.76 3.34 19.44
C GLU B 223 18.53 4.42 20.51
N ASP B 224 17.98 5.58 20.10
CA ASP B 224 17.62 6.61 21.07
C ASP B 224 16.66 6.05 22.10
N MET B 225 15.68 5.30 21.60
CA MET B 225 14.63 4.75 22.46
C MET B 225 15.21 3.71 23.42
N VAL B 226 16.11 2.86 22.92
CA VAL B 226 16.74 1.85 23.76
C VAL B 226 17.52 2.53 24.88
N GLN B 227 18.35 3.51 24.53
CA GLN B 227 19.11 4.21 25.56
CA GLN B 227 19.11 4.25 25.54
C GLN B 227 18.19 4.92 26.55
N TYR B 228 17.13 5.54 26.06
CA TYR B 228 16.18 6.20 26.94
C TYR B 228 15.54 5.19 27.91
N ARG B 229 15.10 4.04 27.43
CA ARG B 229 14.38 3.10 28.28
C ARG B 229 15.32 2.44 29.29
N ILE B 230 16.57 2.24 28.89
CA ILE B 230 17.59 1.71 29.81
C ILE B 230 17.76 2.66 30.99
N GLN B 231 17.80 3.95 30.68
CA GLN B 231 18.02 5.01 31.67
C GLN B 231 16.81 5.25 32.55
N PHE B 232 15.61 5.18 31.98
CA PHE B 232 14.41 5.61 32.71
C PHE B 232 13.33 4.55 32.98
N ASP B 233 13.30 3.47 32.22
CA ASP B 233 12.20 2.51 32.31
C ASP B 233 12.54 1.28 33.16
N LEU B 234 13.74 1.25 33.73
CA LEU B 234 14.15 0.11 34.55
C LEU B 234 13.92 0.39 36.04
N LYS B 235 13.51 -0.63 36.77
CA LYS B 235 13.45 -0.55 38.24
C LYS B 235 14.86 -0.41 38.80
N LEU B 236 15.02 0.51 39.75
CA LEU B 236 16.33 0.72 40.37
C LEU B 236 16.57 -0.27 41.50
C1 EDO C . -8.29 -5.76 -3.52
O1 EDO C . -9.53 -5.30 -4.07
C2 EDO C . -7.51 -6.55 -4.58
O2 EDO C . -7.34 -5.72 -5.75
P PO4 D . -10.76 -7.68 -8.16
O1 PO4 D . -9.50 -6.88 -7.87
O2 PO4 D . -10.40 -8.79 -9.11
O3 PO4 D . -11.24 -8.30 -6.86
O4 PO4 D . -11.84 -6.77 -8.70
P PO4 E . 9.69 -3.80 11.77
O1 PO4 E . 10.98 -3.00 11.83
O2 PO4 E . 9.93 -5.09 11.01
O3 PO4 E . 9.18 -4.15 13.14
O4 PO4 E . 8.63 -2.99 11.06
#